data_4CQG
#
_entry.id   4CQG
#
_cell.length_a   35.960
_cell.length_b   75.760
_cell.length_c   128.120
_cell.angle_alpha   90.00
_cell.angle_beta   90.00
_cell.angle_gamma   90.00
#
_symmetry.space_group_name_H-M   'P 21 21 21'
#
loop_
_entity.id
_entity.type
_entity.pdbx_description
1 polymer 'Maternal embryonic leucine zipper kinase'
2 non-polymer 1-[6-(3,5-dichloro-4-hydroxyphenyl)-4-({trans-4-[(dimethylamino)methyl]cyclohexyl}amino)-1,5-naphthyridin-3-yl]ethanone
3 non-polymer 'SULFATE ION'
4 water water
#
_entity_poly.entity_id   1
_entity_poly.type   'polypeptide(L)'
_entity_poly.pdbx_seq_one_letter_code
;MKDYDELLKYYELYETIGTGGFAKVKLACHVLTGEMVAIKIMDKNALGSDLPRVKTEIDALKSLRHQHICQLYHVLETKN
KIFMVLEYCPGGELFDYIISQDRLSEEETRVVFRQILSAVAYVHSQGYAHRDLKPENLLFDENHKLKLIDFGLCAKPKGN
KDYHLQECCGSLAYAAPELIQGKSYLGSEADVWSMGILLYVLMCGFLPFDDDNVMALYKKIMRGKYEVPKWLSPSSILLL
QQMLQVDPKKRISMRNLLNHPWVMQDYSCPVEWQSKTPLTHLDEDCVTELSVHHRSSRQTMEDLISSWQYDHLTATYLLL
LAKKARLEHHH
;
_entity_poly.pdbx_strand_id   A
#
# COMPACT_ATOMS: atom_id res chain seq x y z
N LYS A 2 17.65 25.18 0.56
CA LYS A 2 18.35 24.16 1.38
C LYS A 2 18.36 22.83 0.65
N ASP A 3 18.02 22.87 -0.64
CA ASP A 3 17.66 21.69 -1.47
C ASP A 3 16.18 21.20 -1.30
N TYR A 4 15.47 21.86 -0.40
CA TYR A 4 14.01 21.97 -0.47
C TYR A 4 13.50 22.93 -1.55
N ASP A 5 14.34 23.87 -2.00
CA ASP A 5 13.81 24.93 -2.88
C ASP A 5 13.49 24.49 -4.32
N GLU A 6 14.18 23.45 -4.80
CA GLU A 6 13.77 22.79 -6.07
C GLU A 6 12.36 22.14 -5.97
N LEU A 7 12.06 21.52 -4.83
CA LEU A 7 10.75 20.96 -4.58
C LEU A 7 9.66 22.04 -4.47
N LEU A 8 9.99 23.17 -3.86
CA LEU A 8 9.04 24.27 -3.73
C LEU A 8 8.71 24.97 -5.06
N LYS A 9 9.49 24.68 -6.10
CA LYS A 9 9.10 24.99 -7.47
C LYS A 9 7.76 24.39 -7.84
N TYR A 10 7.51 23.16 -7.40
CA TYR A 10 6.32 22.44 -7.80
C TYR A 10 5.31 22.25 -6.73
N TYR A 11 5.70 22.38 -5.47
CA TYR A 11 4.76 22.11 -4.39
C TYR A 11 4.88 23.15 -3.35
N GLU A 12 3.78 23.37 -2.66
CA GLU A 12 3.82 24.11 -1.43
C GLU A 12 3.49 23.15 -0.28
N LEU A 13 4.39 23.08 0.70
CA LEU A 13 4.27 22.14 1.82
C LEU A 13 3.40 22.63 2.94
N TYR A 14 2.60 21.73 3.49
CA TYR A 14 1.87 21.98 4.69
C TYR A 14 2.55 21.26 5.87
N GLU A 15 1.78 20.82 6.84
CA GLU A 15 2.27 20.11 8.01
C GLU A 15 2.74 18.67 7.81
N THR A 16 3.63 18.26 8.69
CA THR A 16 4.06 16.90 8.84
C THR A 16 2.87 16.05 9.29
N ILE A 17 2.65 14.94 8.61
CA ILE A 17 1.47 14.13 8.92
C ILE A 17 1.84 12.83 9.59
N GLY A 18 3.08 12.41 9.49
CA GLY A 18 3.52 11.26 10.23
C GLY A 18 4.96 11.02 10.05
N THR A 19 5.50 10.13 10.87
CA THR A 19 6.89 9.70 10.74
C THR A 19 7.03 8.20 10.87
N GLY A 20 8.21 7.72 10.48
CA GLY A 20 8.53 6.30 10.45
C GLY A 20 9.98 6.23 10.83
N GLY A 21 10.60 5.07 10.81
CA GLY A 21 12.00 5.08 11.18
C GLY A 21 12.72 6.01 10.20
N PHE A 22 12.50 5.74 8.92
CA PHE A 22 13.22 6.44 7.86
C PHE A 22 12.75 7.84 7.47
N ALA A 23 11.45 8.08 7.49
CA ALA A 23 10.94 9.21 6.75
C ALA A 23 10.00 10.08 7.51
N LYS A 24 9.96 11.32 7.07
CA LYS A 24 8.96 12.26 7.51
C LYS A 24 7.92 12.39 6.36
N VAL A 25 6.62 12.27 6.68
CA VAL A 25 5.60 12.46 5.67
C VAL A 25 4.86 13.78 5.86
N LYS A 26 4.83 14.55 4.77
CA LYS A 26 4.29 15.91 4.79
C LYS A 26 3.12 16.04 3.83
N LEU A 27 2.04 16.67 4.26
CA LEU A 27 1.03 17.09 3.31
C LEU A 27 1.60 18.15 2.40
N ALA A 28 1.22 18.13 1.11
CA ALA A 28 1.69 19.15 0.20
C ALA A 28 0.63 19.51 -0.79
N CYS A 29 0.86 20.57 -1.57
CA CYS A 29 -0.06 20.88 -2.68
C CYS A 29 0.69 21.08 -3.96
N HIS A 30 0.28 20.35 -4.99
CA HIS A 30 0.86 20.52 -6.30
C HIS A 30 0.31 21.83 -6.85
N VAL A 31 1.20 22.78 -7.08
CA VAL A 31 0.81 24.14 -7.36
C VAL A 31 -0.01 24.26 -8.65
N LEU A 32 0.51 23.65 -9.70
CA LEU A 32 -0.09 23.68 -11.02
C LEU A 32 -1.50 23.09 -11.11
N THR A 33 -1.73 21.92 -10.54
CA THR A 33 -3.06 21.30 -10.59
C THR A 33 -3.92 21.66 -9.41
N GLY A 34 -3.29 22.11 -8.32
CA GLY A 34 -3.96 22.28 -7.04
C GLY A 34 -4.26 21.01 -6.23
N GLU A 35 -3.73 19.86 -6.65
CA GLU A 35 -4.03 18.60 -5.97
C GLU A 35 -3.20 18.40 -4.71
N MET A 36 -3.85 17.93 -3.66
CA MET A 36 -3.18 17.56 -2.41
C MET A 36 -2.42 16.28 -2.59
N VAL A 37 -1.28 16.19 -1.93
CA VAL A 37 -0.43 15.04 -2.01
C VAL A 37 0.29 14.82 -0.71
N ALA A 38 0.86 13.63 -0.57
CA ALA A 38 1.66 13.31 0.58
C ALA A 38 3.07 13.19 0.08
N ILE A 39 4.02 13.78 0.80
CA ILE A 39 5.41 13.69 0.38
C ILE A 39 6.27 12.98 1.40
N LYS A 40 7.01 11.98 0.94
CA LYS A 40 7.86 11.23 1.78
C LYS A 40 9.25 11.76 1.63
N ILE A 41 9.77 12.31 2.73
CA ILE A 41 11.08 12.93 2.77
C ILE A 41 12.05 12.00 3.48
N MET A 42 13.13 11.68 2.83
CA MET A 42 14.16 10.85 3.46
C MET A 42 15.56 11.41 3.28
N ASP A 43 16.28 11.50 4.39
CA ASP A 43 17.66 11.96 4.39
C ASP A 43 18.61 10.85 4.02
N LYS A 44 19.39 11.03 2.96
CA LYS A 44 20.28 9.95 2.52
C LYS A 44 21.40 9.63 3.56
N ASN A 45 21.84 10.65 4.27
CA ASN A 45 22.90 10.49 5.22
C ASN A 45 22.44 9.74 6.47
N ALA A 46 21.23 10.06 6.91
CA ALA A 46 20.59 9.27 7.93
C ALA A 46 20.23 7.89 7.43
N LEU A 47 19.86 7.74 6.17
CA LEU A 47 19.57 6.40 5.64
C LEU A 47 20.80 5.51 5.74
N GLY A 48 21.94 6.06 5.33
CA GLY A 48 23.21 5.37 5.51
C GLY A 48 23.22 4.07 4.78
N SER A 49 23.37 2.98 5.52
CA SER A 49 23.52 1.68 4.89
C SER A 49 22.18 1.08 4.39
N ASP A 50 21.07 1.76 4.67
CA ASP A 50 19.77 1.30 4.18
C ASP A 50 19.32 1.90 2.89
N LEU A 51 20.16 2.72 2.26
CA LEU A 51 19.79 3.36 1.01
C LEU A 51 19.33 2.43 -0.12
N PRO A 52 19.96 1.24 -0.31
CA PRO A 52 19.42 0.37 -1.35
C PRO A 52 17.95 -0.05 -1.19
N ARG A 53 17.50 -0.21 0.05
CA ARG A 53 16.08 -0.49 0.27
C ARG A 53 15.18 0.60 -0.29
N VAL A 54 15.68 1.83 -0.31
CA VAL A 54 14.92 2.93 -0.86
C VAL A 54 14.78 2.77 -2.36
N LYS A 55 15.87 2.36 -3.00
CA LYS A 55 15.87 2.20 -4.44
C LYS A 55 15.07 0.99 -4.91
N THR A 56 14.97 -0.02 -4.07
CA THR A 56 13.99 -1.10 -4.22
C THR A 56 12.53 -0.63 -4.07
N GLU A 57 12.28 0.24 -3.11
CA GLU A 57 10.96 0.72 -2.88
C GLU A 57 10.49 1.48 -4.09
N ILE A 58 11.38 2.31 -4.62
CA ILE A 58 11.03 3.21 -5.68
C ILE A 58 10.78 2.48 -6.96
N ASP A 59 11.68 1.56 -7.30
CA ASP A 59 11.53 0.81 -8.54
C ASP A 59 10.26 -0.02 -8.49
N ALA A 60 9.91 -0.55 -7.34
CA ALA A 60 8.66 -1.28 -7.14
C ALA A 60 7.39 -0.43 -7.30
N LEU A 61 7.36 0.71 -6.65
CA LEU A 61 6.21 1.59 -6.79
C LEU A 61 6.04 2.08 -8.23
N LYS A 62 7.14 2.29 -8.96
CA LYS A 62 7.06 2.69 -10.36
C LYS A 62 6.47 1.60 -11.25
N SER A 63 6.58 0.36 -10.81
CA SER A 63 6.02 -0.75 -11.56
C SER A 63 4.63 -1.15 -11.15
N LEU A 64 4.04 -0.51 -10.16
CA LEU A 64 2.70 -0.88 -9.72
C LEU A 64 1.77 0.24 -9.89
N ARG A 65 0.56 -0.03 -10.34
CA ARG A 65 -0.44 0.97 -10.70
C ARG A 65 -1.71 0.28 -10.29
N HIS A 66 -2.43 0.69 -9.28
CA HIS A 66 -3.57 -0.16 -8.94
C HIS A 66 -4.46 0.60 -8.01
N GLN A 67 -5.72 0.22 -8.00
CA GLN A 67 -6.74 0.82 -7.13
C GLN A 67 -6.43 0.76 -5.63
N HIS A 68 -5.80 -0.32 -5.19
CA HIS A 68 -5.51 -0.46 -3.78
C HIS A 68 -4.05 -0.31 -3.44
N ILE A 69 -3.30 0.32 -4.31
CA ILE A 69 -1.87 0.55 -4.05
C ILE A 69 -1.72 2.05 -4.20
N CYS A 70 -1.10 2.66 -3.20
CA CYS A 70 -0.84 4.10 -3.22
C CYS A 70 0.02 4.50 -4.41
N GLN A 71 -0.47 5.43 -5.22
CA GLN A 71 0.21 5.91 -6.41
C GLN A 71 1.35 6.89 -6.12
N LEU A 72 2.41 6.72 -6.88
CA LEU A 72 3.57 7.53 -6.80
C LEU A 72 3.56 8.42 -8.01
N TYR A 73 3.77 9.71 -7.78
CA TYR A 73 3.69 10.65 -8.85
C TYR A 73 5.03 11.21 -9.31
N HIS A 74 5.95 11.32 -8.39
CA HIS A 74 7.12 12.09 -8.66
C HIS A 74 8.25 11.64 -7.74
N VAL A 75 9.44 11.43 -8.30
CA VAL A 75 10.61 11.16 -7.52
C VAL A 75 11.70 12.19 -7.73
N LEU A 76 12.06 12.88 -6.66
CA LEU A 76 13.03 13.94 -6.71
C LEU A 76 14.22 13.57 -5.85
N GLU A 77 15.41 13.68 -6.39
CA GLU A 77 16.62 13.47 -5.59
C GLU A 77 17.51 14.69 -5.59
N THR A 78 17.90 15.14 -4.40
CA THR A 78 18.86 16.22 -4.29
C THR A 78 20.14 15.70 -3.69
N LYS A 79 20.96 16.61 -3.19
CA LYS A 79 22.22 16.24 -2.58
C LYS A 79 21.98 15.41 -1.32
N ASN A 80 21.10 15.90 -0.46
CA ASN A 80 20.91 15.27 0.84
C ASN A 80 19.66 14.43 0.99
N LYS A 81 18.63 14.78 0.22
CA LYS A 81 17.33 14.19 0.43
C LYS A 81 16.76 13.40 -0.74
N ILE A 82 15.81 12.54 -0.40
CA ILE A 82 14.99 11.90 -1.40
C ILE A 82 13.55 12.22 -1.08
N PHE A 83 12.84 12.65 -2.13
CA PHE A 83 11.43 12.98 -2.05
C PHE A 83 10.58 12.04 -2.90
N MET A 84 9.53 11.51 -2.29
CA MET A 84 8.55 10.71 -3.00
C MET A 84 7.19 11.36 -2.89
N VAL A 85 6.60 11.74 -4.00
CA VAL A 85 5.32 12.45 -3.98
C VAL A 85 4.25 11.46 -4.26
N LEU A 86 3.27 11.43 -3.36
CA LEU A 86 2.37 10.29 -3.29
C LEU A 86 0.92 10.71 -3.12
N GLU A 87 0.06 9.77 -3.42
CA GLU A 87 -1.35 9.93 -3.26
C GLU A 87 -1.70 10.15 -1.81
N TYR A 88 -2.54 11.14 -1.57
CA TYR A 88 -2.87 11.56 -0.25
C TYR A 88 -4.04 10.71 0.17
N CYS A 89 -3.92 10.08 1.32
CA CYS A 89 -4.95 9.22 1.83
C CYS A 89 -5.48 9.80 3.13
N PRO A 90 -6.54 10.65 3.05
CA PRO A 90 -6.87 11.34 4.29
C PRO A 90 -7.45 10.52 5.44
N GLY A 91 -7.79 9.27 5.17
CA GLY A 91 -8.42 8.38 6.15
C GLY A 91 -7.49 7.80 7.19
N GLY A 92 -6.20 7.89 6.95
CA GLY A 92 -5.25 7.37 7.91
C GLY A 92 -5.17 5.85 7.87
N GLU A 93 -4.40 5.34 8.81
CA GLU A 93 -4.14 3.92 8.92
C GLU A 93 -5.35 3.08 9.29
N LEU A 94 -5.37 1.87 8.78
CA LEU A 94 -6.35 0.87 9.13
C LEU A 94 -6.24 0.58 10.63
N PHE A 95 -5.02 0.64 11.13
CA PHE A 95 -4.75 0.38 12.53
C PHE A 95 -5.57 1.26 13.48
N ASP A 96 -5.64 2.54 13.17
CA ASP A 96 -6.41 3.47 13.98
C ASP A 96 -7.89 3.23 13.89
N TYR A 97 -8.37 2.84 12.72
CA TYR A 97 -9.75 2.52 12.54
C TYR A 97 -10.19 1.30 13.34
N ILE A 98 -9.36 0.27 13.37
CA ILE A 98 -9.71 -0.96 14.05
C ILE A 98 -9.86 -0.64 15.52
N ILE A 99 -8.97 0.20 16.02
CA ILE A 99 -8.98 0.62 17.43
C ILE A 99 -10.19 1.47 17.85
N SER A 100 -10.64 2.30 16.94
CA SER A 100 -11.82 3.09 17.17
C SER A 100 -13.09 2.24 17.22
N GLN A 101 -13.07 1.06 16.61
CA GLN A 101 -14.22 0.15 16.59
C GLN A 101 -14.06 -0.94 17.61
N ASP A 102 -12.91 -0.96 18.28
CA ASP A 102 -12.49 -2.09 19.12
C ASP A 102 -12.19 -3.32 18.25
N ARG A 103 -13.19 -3.83 17.56
CA ARG A 103 -12.96 -4.87 16.57
C ARG A 103 -14.02 -4.76 15.49
N LEU A 104 -13.76 -5.34 14.35
CA LEU A 104 -14.71 -5.27 13.26
C LEU A 104 -15.63 -6.47 13.17
N SER A 105 -16.85 -6.21 12.71
CA SER A 105 -17.80 -7.28 12.46
C SER A 105 -17.29 -8.15 11.30
N GLU A 106 -17.74 -9.39 11.22
CA GLU A 106 -17.24 -10.32 10.22
C GLU A 106 -17.52 -9.79 8.82
N GLU A 107 -18.67 -9.19 8.68
CA GLU A 107 -19.13 -8.69 7.40
C GLU A 107 -18.22 -7.54 6.97
N GLU A 108 -17.89 -6.66 7.90
CA GLU A 108 -16.96 -5.59 7.63
C GLU A 108 -15.47 -6.01 7.45
N THR A 109 -15.08 -7.04 8.19
CA THR A 109 -13.77 -7.61 8.05
C THR A 109 -13.60 -8.07 6.60
N ARG A 110 -14.67 -8.61 6.04
CA ARG A 110 -14.59 -9.19 4.73
C ARG A 110 -14.47 -8.16 3.59
N VAL A 111 -15.03 -6.97 3.82
CA VAL A 111 -14.92 -5.89 2.87
C VAL A 111 -13.46 -5.46 2.78
N VAL A 112 -12.88 -5.29 3.96
CA VAL A 112 -11.53 -4.84 4.11
C VAL A 112 -10.56 -5.87 3.56
N PHE A 113 -10.81 -7.12 3.91
CA PHE A 113 -9.94 -8.20 3.55
C PHE A 113 -9.88 -8.47 2.06
N ARG A 114 -11.00 -8.33 1.37
CA ARG A 114 -11.01 -8.46 -0.10
C ARG A 114 -10.17 -7.38 -0.80
N GLN A 115 -10.18 -6.16 -0.29
CA GLN A 115 -9.35 -5.11 -0.84
C GLN A 115 -7.88 -5.40 -0.54
N ILE A 116 -7.57 -6.00 0.60
CA ILE A 116 -6.17 -6.34 0.92
C ILE A 116 -5.67 -7.42 -0.04
N LEU A 117 -6.53 -8.37 -0.26
CA LEU A 117 -6.24 -9.47 -1.11
C LEU A 117 -6.09 -9.05 -2.56
N SER A 118 -6.90 -8.09 -2.98
CA SER A 118 -6.83 -7.58 -4.33
C SER A 118 -5.46 -6.95 -4.59
N ALA A 119 -5.03 -6.10 -3.67
CA ALA A 119 -3.76 -5.45 -3.75
C ALA A 119 -2.60 -6.44 -3.67
N VAL A 120 -2.67 -7.36 -2.70
CA VAL A 120 -1.62 -8.33 -2.50
C VAL A 120 -1.51 -9.33 -3.66
N ALA A 121 -2.63 -9.80 -4.18
CA ALA A 121 -2.51 -10.69 -5.32
C ALA A 121 -1.94 -9.96 -6.50
N TYR A 122 -2.33 -8.70 -6.69
CA TYR A 122 -1.75 -7.92 -7.77
C TYR A 122 -0.23 -7.72 -7.58
N VAL A 123 0.21 -7.43 -6.36
CA VAL A 123 1.64 -7.23 -6.11
C VAL A 123 2.43 -8.46 -6.58
N HIS A 124 1.91 -9.63 -6.24
CA HIS A 124 2.49 -10.91 -6.61
C HIS A 124 2.48 -11.23 -8.09
N SER A 125 1.37 -10.89 -8.74
CA SER A 125 1.27 -10.99 -10.20
C SER A 125 2.35 -10.18 -10.92
N GLN A 126 2.92 -9.17 -10.24
CA GLN A 126 4.05 -8.43 -10.79
C GLN A 126 5.39 -8.96 -10.28
N GLY A 127 5.37 -10.09 -9.57
CA GLY A 127 6.59 -10.68 -9.05
C GLY A 127 7.19 -10.11 -7.77
N TYR A 128 6.40 -9.45 -6.94
CA TYR A 128 6.90 -9.00 -5.68
C TYR A 128 6.29 -9.76 -4.53
N ALA A 129 6.91 -9.59 -3.37
CA ALA A 129 6.28 -9.93 -2.13
C ALA A 129 6.43 -8.68 -1.29
N HIS A 130 5.40 -8.29 -0.57
CA HIS A 130 5.53 -7.12 0.26
C HIS A 130 6.46 -7.31 1.48
N ARG A 131 6.17 -8.34 2.27
CA ARG A 131 7.00 -8.70 3.43
C ARG A 131 6.78 -7.82 4.63
N ASP A 132 5.83 -6.89 4.56
CA ASP A 132 5.52 -6.06 5.71
C ASP A 132 4.06 -5.68 5.74
N LEU A 133 3.21 -6.70 5.63
CA LEU A 133 1.79 -6.51 5.69
C LEU A 133 1.32 -6.46 7.15
N LYS A 134 0.68 -5.34 7.48
CA LYS A 134 0.16 -5.06 8.81
C LYS A 134 -0.71 -3.81 8.69
N PRO A 135 -1.59 -3.55 9.69
CA PRO A 135 -2.53 -2.47 9.39
C PRO A 135 -2.05 -1.03 9.51
N GLU A 136 -0.82 -0.83 10.00
CA GLU A 136 -0.13 0.45 9.86
C GLU A 136 0.22 0.78 8.42
N ASN A 137 0.31 -0.26 7.57
CA ASN A 137 0.69 -0.11 6.16
C ASN A 137 -0.49 -0.12 5.19
N LEU A 138 -1.67 0.09 5.73
CA LEU A 138 -2.87 0.11 4.95
C LEU A 138 -3.62 1.36 5.28
N LEU A 139 -3.91 2.12 4.25
CA LEU A 139 -4.51 3.45 4.45
C LEU A 139 -5.84 3.58 3.73
N PHE A 140 -6.75 4.33 4.33
CA PHE A 140 -8.03 4.66 3.69
C PHE A 140 -7.90 5.95 2.94
N ASP A 141 -8.21 5.96 1.66
CA ASP A 141 -8.34 7.21 0.96
C ASP A 141 -9.70 7.87 1.25
N GLU A 142 -10.00 8.94 0.53
CA GLU A 142 -11.16 9.77 0.88
C GLU A 142 -12.47 8.99 0.82
N ASN A 143 -12.53 8.01 -0.09
CA ASN A 143 -13.70 7.14 -0.30
C ASN A 143 -13.75 5.94 0.60
N HIS A 144 -12.92 5.93 1.65
CA HIS A 144 -12.79 4.79 2.55
C HIS A 144 -12.32 3.51 1.83
N LYS A 145 -11.49 3.66 0.80
CA LYS A 145 -10.91 2.51 0.12
C LYS A 145 -9.47 2.32 0.56
N LEU A 146 -9.04 1.08 0.67
CA LEU A 146 -7.69 0.77 1.14
C LEU A 146 -6.61 0.98 0.12
N LYS A 147 -5.50 1.54 0.59
CA LYS A 147 -4.32 1.66 -0.23
C LYS A 147 -3.15 1.04 0.49
N LEU A 148 -2.43 0.14 -0.15
CA LEU A 148 -1.22 -0.42 0.42
C LEU A 148 0.01 0.51 0.23
N ILE A 149 0.80 0.60 1.27
CA ILE A 149 1.96 1.49 1.28
C ILE A 149 3.17 0.73 1.81
N ASP A 150 4.29 1.43 1.83
CA ASP A 150 5.55 0.99 2.46
C ASP A 150 6.22 -0.24 1.88
N PHE A 151 6.81 -0.02 0.71
CA PHE A 151 7.38 -1.04 -0.14
C PHE A 151 8.90 -1.18 0.03
N GLY A 152 9.43 -0.67 1.14
CA GLY A 152 10.86 -0.68 1.43
C GLY A 152 11.50 -2.03 1.66
N LEU A 153 10.68 -3.01 2.07
CA LEU A 153 11.13 -4.37 2.27
C LEU A 153 10.56 -5.23 1.22
N CYS A 154 10.09 -4.65 0.12
CA CYS A 154 9.56 -5.43 -0.99
C CYS A 154 10.67 -6.27 -1.62
N ALA A 155 10.38 -7.50 -2.06
CA ALA A 155 11.39 -8.30 -2.76
C ALA A 155 10.88 -8.82 -4.05
N LYS A 156 11.72 -8.71 -5.08
CA LYS A 156 11.57 -9.57 -6.23
C LYS A 156 12.54 -10.75 -6.15
N CYS A 169 11.83 -10.28 7.58
CA CYS A 169 11.84 -8.82 7.60
C CYS A 169 10.45 -8.32 7.95
N GLY A 170 10.36 -7.12 8.46
CA GLY A 170 9.05 -6.59 8.92
C GLY A 170 8.72 -6.95 10.36
N SER A 171 7.61 -6.41 10.85
CA SER A 171 7.23 -6.60 12.24
C SER A 171 7.11 -8.07 12.59
N LEU A 172 7.62 -8.38 13.78
CA LEU A 172 7.68 -9.73 14.32
C LEU A 172 6.36 -10.41 14.52
N ALA A 173 5.40 -9.69 15.08
CA ALA A 173 4.07 -10.23 15.32
C ALA A 173 3.36 -10.63 14.03
N TYR A 174 3.73 -10.01 12.90
CA TYR A 174 3.14 -10.36 11.62
C TYR A 174 4.01 -11.25 10.78
N ALA A 175 5.20 -11.58 11.27
CA ALA A 175 6.20 -12.29 10.45
C ALA A 175 5.98 -13.79 10.41
N ALA A 176 6.19 -14.35 9.24
CA ALA A 176 5.96 -15.76 9.06
C ALA A 176 7.10 -16.56 9.71
N PRO A 177 6.77 -17.74 10.28
CA PRO A 177 7.84 -18.51 10.89
C PRO A 177 9.01 -18.86 9.94
N GLU A 178 8.74 -19.15 8.67
CA GLU A 178 9.83 -19.43 7.72
C GLU A 178 10.74 -18.24 7.54
N LEU A 179 10.27 -17.06 7.90
CA LEU A 179 10.98 -15.82 7.61
C LEU A 179 11.76 -15.39 8.82
N ILE A 180 11.44 -15.95 9.98
CA ILE A 180 12.11 -15.56 11.23
C ILE A 180 13.23 -16.53 11.54
N GLN A 181 13.60 -17.29 10.51
CA GLN A 181 14.65 -18.28 10.63
C GLN A 181 14.93 -18.80 9.23
N GLY A 187 8.23 -16.15 -0.84
CA GLY A 187 7.75 -14.90 -0.24
C GLY A 187 6.25 -14.75 -0.36
N SER A 188 5.68 -15.46 -1.30
CA SER A 188 4.25 -15.51 -1.49
C SER A 188 3.53 -16.09 -0.29
N GLU A 189 4.07 -17.21 0.20
CA GLU A 189 3.52 -17.94 1.35
C GLU A 189 3.58 -17.12 2.61
N ALA A 190 4.60 -16.29 2.72
CA ALA A 190 4.81 -15.47 3.89
C ALA A 190 3.78 -14.32 4.00
N ASP A 191 3.49 -13.68 2.87
CA ASP A 191 2.43 -12.69 2.77
C ASP A 191 1.07 -13.27 3.15
N VAL A 192 0.86 -14.52 2.80
CA VAL A 192 -0.34 -15.20 3.24
C VAL A 192 -0.37 -15.34 4.78
N TRP A 193 0.76 -15.61 5.40
CA TRP A 193 0.76 -15.73 6.85
C TRP A 193 0.35 -14.39 7.51
N SER A 194 0.90 -13.30 6.99
CA SER A 194 0.68 -11.97 7.57
C SER A 194 -0.73 -11.48 7.38
N MET A 195 -1.32 -11.82 6.24
CA MET A 195 -2.71 -11.55 5.98
C MET A 195 -3.60 -12.37 6.91
N GLY A 196 -3.07 -13.53 7.35
CA GLY A 196 -3.74 -14.37 8.33
C GLY A 196 -3.76 -13.71 9.68
N ILE A 197 -2.65 -13.09 10.05
CA ILE A 197 -2.56 -12.29 11.27
C ILE A 197 -3.44 -11.08 11.21
N LEU A 198 -3.46 -10.42 10.08
CA LEU A 198 -4.35 -9.25 9.85
C LEU A 198 -5.80 -9.60 10.07
N LEU A 199 -6.18 -10.73 9.52
CA LEU A 199 -7.55 -11.19 9.58
C LEU A 199 -7.95 -11.45 11.04
N TYR A 200 -7.03 -11.99 11.84
CA TYR A 200 -7.28 -12.23 13.24
C TYR A 200 -7.53 -10.92 13.98
N VAL A 201 -6.72 -9.90 13.64
CA VAL A 201 -6.79 -8.63 14.34
C VAL A 201 -8.04 -7.85 13.99
N LEU A 202 -8.46 -7.93 12.75
CA LEU A 202 -9.65 -7.21 12.32
C LEU A 202 -10.82 -7.72 13.09
N MET A 203 -10.92 -9.03 13.14
CA MET A 203 -12.03 -9.72 13.79
C MET A 203 -11.94 -9.82 15.27
N CYS A 204 -10.74 -9.80 15.85
CA CYS A 204 -10.60 -9.93 17.30
C CYS A 204 -10.22 -8.66 18.03
N GLY A 205 -9.44 -7.80 17.39
CA GLY A 205 -9.00 -6.55 18.04
C GLY A 205 -7.71 -6.64 18.82
N PHE A 206 -7.08 -7.81 18.78
CA PHE A 206 -5.76 -8.05 19.39
C PHE A 206 -5.05 -9.09 18.53
N LEU A 207 -3.78 -9.31 18.83
CA LEU A 207 -2.95 -10.21 18.07
C LEU A 207 -3.07 -11.65 18.48
N PRO A 208 -2.87 -12.61 17.52
CA PRO A 208 -2.92 -13.99 18.00
C PRO A 208 -1.67 -14.39 18.78
N PHE A 209 -0.53 -13.78 18.47
CA PHE A 209 0.70 -14.02 19.19
C PHE A 209 1.21 -12.70 19.72
N ASP A 210 1.35 -12.57 21.03
CA ASP A 210 1.79 -11.33 21.63
C ASP A 210 2.66 -11.58 22.85
N ASP A 211 3.69 -10.76 23.00
CA ASP A 211 4.54 -10.87 24.16
C ASP A 211 5.50 -9.72 24.25
N ASP A 212 5.74 -9.32 25.47
CA ASP A 212 6.75 -8.31 25.80
C ASP A 212 8.18 -8.82 25.59
N ASN A 213 8.34 -10.13 25.64
CA ASN A 213 9.61 -10.77 25.47
C ASN A 213 9.70 -11.35 24.05
N VAL A 214 10.72 -10.96 23.30
CA VAL A 214 10.82 -11.42 21.91
C VAL A 214 11.05 -12.91 21.84
N MET A 215 11.74 -13.45 22.84
CA MET A 215 11.99 -14.87 22.87
C MET A 215 10.71 -15.65 23.13
N ALA A 216 9.89 -15.11 24.02
CA ALA A 216 8.59 -15.70 24.32
C ALA A 216 7.67 -15.62 23.10
N LEU A 217 7.75 -14.49 22.41
CA LEU A 217 6.96 -14.28 21.24
C LEU A 217 7.38 -15.22 20.14
N TYR A 218 8.68 -15.38 19.97
CA TYR A 218 9.23 -16.28 18.95
C TYR A 218 8.74 -17.69 19.13
N LYS A 219 8.75 -18.16 20.38
CA LYS A 219 8.26 -19.50 20.68
C LYS A 219 6.79 -19.67 20.39
N LYS A 220 6.00 -18.64 20.67
CA LYS A 220 4.56 -18.66 20.33
C LYS A 220 4.30 -18.75 18.84
N ILE A 221 5.03 -17.97 18.05
CA ILE A 221 4.87 -18.04 16.60
C ILE A 221 5.15 -19.45 16.09
N MET A 222 6.25 -20.05 16.52
CA MET A 222 6.65 -21.40 16.00
C MET A 222 5.69 -22.47 16.47
N ARG A 223 5.17 -22.30 17.67
CA ARG A 223 4.20 -23.19 18.21
C ARG A 223 2.90 -23.15 17.41
N GLY A 224 2.49 -21.94 17.05
CA GLY A 224 1.32 -21.72 16.21
C GLY A 224 -0.04 -21.85 16.85
N LYS A 225 -0.11 -21.70 18.18
CA LYS A 225 -1.36 -21.90 18.88
C LYS A 225 -1.80 -20.59 19.46
N TYR A 226 -3.05 -20.24 19.17
CA TYR A 226 -3.56 -18.93 19.55
C TYR A 226 -4.97 -19.16 20.04
N GLU A 227 -5.44 -18.17 20.78
CA GLU A 227 -6.73 -18.18 21.34
C GLU A 227 -7.80 -17.92 20.29
N VAL A 228 -8.84 -18.71 20.32
CA VAL A 228 -9.90 -18.60 19.34
C VAL A 228 -11.16 -18.08 20.00
N PRO A 229 -11.51 -16.78 19.77
CA PRO A 229 -12.67 -16.29 20.51
C PRO A 229 -14.06 -16.77 20.08
N LYS A 230 -14.96 -16.72 21.06
CA LYS A 230 -16.32 -17.22 20.96
C LYS A 230 -17.16 -16.59 19.88
N TRP A 231 -16.81 -15.37 19.47
CA TRP A 231 -17.65 -14.59 18.55
C TRP A 231 -17.34 -14.90 17.07
N LEU A 232 -16.22 -15.58 16.82
CA LEU A 232 -15.87 -15.97 15.47
C LEU A 232 -16.74 -17.10 14.89
N SER A 233 -16.93 -17.01 13.58
CA SER A 233 -17.71 -18.01 12.86
C SER A 233 -16.88 -19.24 12.61
N PRO A 234 -17.52 -20.41 12.46
CA PRO A 234 -16.66 -21.56 12.19
C PRO A 234 -15.89 -21.44 10.87
N SER A 235 -16.56 -20.87 9.88
CA SER A 235 -15.95 -20.59 8.59
C SER A 235 -14.66 -19.77 8.64
N SER A 236 -14.72 -18.68 9.41
CA SER A 236 -13.59 -17.78 9.56
C SER A 236 -12.48 -18.43 10.36
N ILE A 237 -12.86 -19.25 11.34
CA ILE A 237 -11.89 -19.99 12.15
C ILE A 237 -11.05 -20.94 11.29
N LEU A 238 -11.71 -21.59 10.39
CA LEU A 238 -11.10 -22.51 9.46
C LEU A 238 -10.17 -21.77 8.51
N LEU A 239 -10.61 -20.63 8.03
CA LEU A 239 -9.76 -19.83 7.17
C LEU A 239 -8.49 -19.44 7.91
N LEU A 240 -8.64 -19.09 9.18
CA LEU A 240 -7.53 -18.72 10.00
C LEU A 240 -6.52 -19.83 10.13
N GLN A 241 -7.02 -21.02 10.37
CA GLN A 241 -6.09 -22.13 10.49
C GLN A 241 -5.45 -22.53 9.18
N GLN A 242 -6.17 -22.39 8.09
CA GLN A 242 -5.55 -22.55 6.79
C GLN A 242 -4.45 -21.54 6.50
N MET A 243 -4.67 -20.29 6.89
CA MET A 243 -3.67 -19.24 6.69
C MET A 243 -2.54 -19.28 7.70
N LEU A 244 -2.86 -19.72 8.91
CA LEU A 244 -1.89 -19.66 10.00
C LEU A 244 -1.24 -21.01 10.27
N GLN A 245 -1.09 -21.78 9.20
CA GLN A 245 -0.22 -22.93 9.15
C GLN A 245 1.25 -22.56 9.26
N VAL A 246 1.90 -23.15 10.23
CA VAL A 246 3.32 -22.89 10.51
C VAL A 246 4.26 -23.41 9.44
N ASP A 247 3.88 -24.52 8.83
CA ASP A 247 4.64 -25.09 7.75
C ASP A 247 4.15 -24.46 6.45
N PRO A 248 5.03 -23.69 5.74
CA PRO A 248 4.49 -23.05 4.53
C PRO A 248 3.90 -24.02 3.53
N LYS A 249 4.43 -25.24 3.48
CA LYS A 249 3.91 -26.26 2.56
C LYS A 249 2.43 -26.58 2.82
N LYS A 250 2.02 -26.54 4.07
CA LYS A 250 0.61 -26.80 4.39
C LYS A 250 -0.27 -25.56 4.35
N ARG A 251 0.35 -24.39 4.28
CA ARG A 251 -0.37 -23.14 4.27
C ARG A 251 -1.10 -22.94 2.94
N ILE A 252 -2.29 -22.34 3.00
CA ILE A 252 -3.10 -22.11 1.80
C ILE A 252 -2.40 -21.18 0.80
N SER A 253 -2.52 -21.54 -0.47
CA SER A 253 -1.96 -20.72 -1.53
C SER A 253 -2.80 -19.48 -1.80
N MET A 254 -2.19 -18.48 -2.41
CA MET A 254 -2.94 -17.29 -2.79
C MET A 254 -4.08 -17.60 -3.74
N ARG A 255 -3.80 -18.44 -4.73
CA ARG A 255 -4.82 -18.86 -5.71
C ARG A 255 -6.14 -19.27 -5.04
N ASN A 256 -6.06 -20.15 -4.04
CA ASN A 256 -7.26 -20.66 -3.36
C ASN A 256 -7.84 -19.71 -2.37
N LEU A 257 -7.03 -18.77 -1.89
CA LEU A 257 -7.52 -17.68 -1.07
C LEU A 257 -8.53 -16.84 -1.87
N LEU A 258 -8.19 -16.63 -3.12
CA LEU A 258 -9.00 -15.79 -3.97
C LEU A 258 -10.41 -16.30 -4.24
N ASN A 259 -10.64 -17.62 -4.18
CA ASN A 259 -12.02 -18.11 -4.27
C ASN A 259 -12.49 -18.96 -3.09
N HIS A 260 -11.90 -18.66 -1.93
CA HIS A 260 -12.22 -19.35 -0.72
C HIS A 260 -13.68 -19.07 -0.34
N PRO A 261 -14.40 -20.08 0.18
CA PRO A 261 -15.79 -19.87 0.51
C PRO A 261 -16.08 -18.72 1.50
N TRP A 262 -15.26 -18.57 2.55
CA TRP A 262 -15.46 -17.44 3.46
C TRP A 262 -15.29 -16.11 2.72
N VAL A 263 -14.27 -16.03 1.85
CA VAL A 263 -13.99 -14.81 1.12
C VAL A 263 -15.17 -14.45 0.25
N MET A 264 -15.85 -15.46 -0.27
CA MET A 264 -17.00 -15.25 -1.17
C MET A 264 -18.39 -15.23 -0.51
N GLN A 265 -18.46 -15.46 0.79
CA GLN A 265 -19.75 -15.55 1.45
C GLN A 265 -20.54 -14.30 1.17
N ASP A 266 -21.70 -14.46 0.54
CA ASP A 266 -22.54 -13.35 0.19
C ASP A 266 -21.91 -12.47 -0.89
N TYR A 267 -21.12 -13.09 -1.76
CA TYR A 267 -20.62 -12.43 -2.94
C TYR A 267 -20.78 -13.36 -4.14
N SER A 268 -21.40 -12.84 -5.19
CA SER A 268 -21.41 -13.46 -6.53
C SER A 268 -20.09 -13.20 -7.33
N CYS A 269 -19.24 -12.34 -6.75
CA CYS A 269 -18.01 -11.87 -7.32
C CYS A 269 -16.89 -12.49 -6.49
N PRO A 270 -16.09 -13.46 -7.03
CA PRO A 270 -14.85 -13.64 -6.26
C PRO A 270 -13.94 -12.44 -6.54
N VAL A 271 -12.84 -12.35 -5.80
CA VAL A 271 -12.03 -11.13 -5.70
C VAL A 271 -11.38 -10.69 -7.02
N GLU A 272 -11.68 -9.47 -7.44
CA GLU A 272 -11.03 -8.96 -8.63
C GLU A 272 -9.76 -8.21 -8.28
N TRP A 273 -8.67 -8.92 -8.40
CA TRP A 273 -7.38 -8.41 -8.04
C TRP A 273 -6.71 -7.62 -9.19
N GLN A 274 -7.21 -7.76 -10.40
CA GLN A 274 -6.59 -7.11 -11.55
C GLN A 274 -6.76 -5.63 -11.48
N SER A 275 -5.82 -4.93 -12.06
CA SER A 275 -5.84 -3.50 -12.02
C SER A 275 -6.97 -2.95 -12.85
N LYS A 276 -7.73 -2.04 -12.25
CA LYS A 276 -8.75 -1.28 -12.94
C LYS A 276 -8.22 0.02 -13.47
N THR A 277 -6.93 0.26 -13.38
CA THR A 277 -6.42 1.58 -13.68
C THR A 277 -5.13 1.47 -14.48
N PRO A 278 -5.08 0.58 -15.47
CA PRO A 278 -3.89 0.71 -16.29
C PRO A 278 -3.86 2.01 -17.09
N LEU A 279 -2.66 2.38 -17.52
CA LEU A 279 -2.47 3.54 -18.35
C LEU A 279 -2.48 3.10 -19.77
N THR A 280 -3.66 2.72 -20.24
CA THR A 280 -3.77 2.13 -21.57
C THR A 280 -3.35 3.13 -22.62
N HIS A 281 -3.95 4.30 -22.56
CA HIS A 281 -3.57 5.40 -23.40
C HIS A 281 -3.85 6.72 -22.71
N LEU A 282 -3.27 7.75 -23.30
CA LEU A 282 -3.28 9.06 -22.73
C LEU A 282 -4.57 9.86 -22.92
N ASP A 283 -4.97 10.49 -21.83
CA ASP A 283 -6.17 11.29 -21.77
C ASP A 283 -6.00 12.61 -22.50
N GLU A 284 -6.91 12.85 -23.43
CA GLU A 284 -6.90 14.06 -24.24
C GLU A 284 -7.02 15.34 -23.41
N ASP A 285 -7.96 15.40 -22.47
CA ASP A 285 -8.18 16.62 -21.68
C ASP A 285 -6.96 16.95 -20.89
N CYS A 286 -6.36 15.92 -20.32
CA CYS A 286 -5.13 16.08 -19.52
C CYS A 286 -3.95 16.47 -20.34
N VAL A 287 -3.79 15.83 -21.48
CA VAL A 287 -2.67 16.14 -22.36
C VAL A 287 -2.79 17.58 -22.87
N THR A 288 -4.01 17.96 -23.24
CA THR A 288 -4.29 19.29 -23.75
C THR A 288 -3.93 20.36 -22.72
N GLU A 289 -4.37 20.10 -21.49
CA GLU A 289 -4.12 21.00 -20.40
C GLU A 289 -2.63 21.16 -20.16
N LEU A 290 -1.90 20.04 -20.19
CA LEU A 290 -0.43 20.02 -20.06
C LEU A 290 0.24 20.80 -21.14
N SER A 291 -0.18 20.59 -22.38
CA SER A 291 0.48 21.21 -23.53
C SER A 291 0.40 22.71 -23.50
N VAL A 292 -0.74 23.25 -23.05
CA VAL A 292 -0.95 24.69 -23.03
C VAL A 292 0.03 25.36 -22.10
N HIS A 293 0.19 24.77 -20.93
CA HIS A 293 1.13 25.27 -19.94
C HIS A 293 2.56 25.12 -20.38
N HIS A 294 2.80 24.02 -21.05
CA HIS A 294 4.13 23.68 -21.46
C HIS A 294 4.52 24.25 -22.83
N ARG A 295 3.58 24.91 -23.52
CA ARG A 295 3.90 25.58 -24.79
C ARG A 295 4.26 24.65 -25.94
N SER A 296 3.72 23.45 -25.94
CA SER A 296 4.08 22.44 -26.91
C SER A 296 2.82 21.87 -27.45
N SER A 297 2.87 21.28 -28.62
CA SER A 297 1.67 20.66 -29.17
C SER A 297 1.33 19.35 -28.44
N ARG A 298 0.08 18.95 -28.57
CA ARG A 298 -0.40 17.72 -27.97
C ARG A 298 0.36 16.52 -28.46
N GLN A 299 0.74 16.56 -29.73
CA GLN A 299 1.56 15.52 -30.30
C GLN A 299 2.94 15.44 -29.61
N THR A 300 3.58 16.58 -29.43
CA THR A 300 4.89 16.64 -28.78
C THR A 300 4.77 16.16 -27.35
N MET A 301 3.76 16.67 -26.66
CA MET A 301 3.50 16.36 -25.28
C MET A 301 3.21 14.86 -25.08
N GLU A 302 2.56 14.24 -26.05
CA GLU A 302 2.30 12.79 -25.96
C GLU A 302 3.57 11.94 -26.04
N ASP A 303 4.54 12.39 -26.82
CA ASP A 303 5.86 11.75 -26.84
C ASP A 303 6.60 11.88 -25.53
N LEU A 304 6.53 13.08 -24.98
CA LEU A 304 7.16 13.38 -23.72
C LEU A 304 6.63 12.53 -22.58
N ILE A 305 5.31 12.46 -22.47
CA ILE A 305 4.71 11.78 -21.34
C ILE A 305 5.12 10.30 -21.38
N SER A 306 5.12 9.72 -22.57
CA SER A 306 5.40 8.27 -22.68
C SER A 306 6.83 7.79 -22.25
N SER A 307 7.78 8.70 -22.08
CA SER A 307 9.08 8.34 -21.49
C SER A 307 8.98 8.04 -19.98
N TRP A 308 7.92 8.49 -19.33
CA TRP A 308 7.58 8.10 -17.92
C TRP A 308 8.71 8.21 -16.88
N GLN A 309 9.37 9.37 -16.85
CA GLN A 309 10.54 9.58 -16.01
C GLN A 309 10.23 9.90 -14.53
N TYR A 310 8.93 9.96 -14.14
CA TYR A 310 8.54 10.35 -12.75
C TYR A 310 9.21 11.65 -12.33
N ASP A 311 9.35 12.52 -13.32
CA ASP A 311 9.67 13.88 -13.11
C ASP A 311 8.37 14.68 -13.06
N HIS A 312 8.51 15.98 -13.17
CA HIS A 312 7.43 16.90 -13.01
C HIS A 312 6.34 16.76 -14.09
N LEU A 313 6.73 16.39 -15.30
CA LEU A 313 5.77 16.19 -16.34
C LEU A 313 4.92 14.98 -15.99
N THR A 314 5.57 13.94 -15.51
CA THR A 314 4.84 12.75 -15.11
C THR A 314 3.89 13.06 -13.98
N ALA A 315 4.36 13.84 -13.01
CA ALA A 315 3.55 14.12 -11.82
C ALA A 315 2.30 14.85 -12.19
N THR A 316 2.48 15.81 -13.09
CA THR A 316 1.40 16.70 -13.51
C THR A 316 0.37 16.01 -14.35
N TYR A 317 0.80 15.11 -15.26
CA TYR A 317 -0.13 14.32 -16.02
C TYR A 317 -0.98 13.43 -15.10
N LEU A 318 -0.29 12.70 -14.20
CA LEU A 318 -1.01 11.77 -13.29
C LEU A 318 -1.87 12.50 -12.33
N LEU A 319 -1.45 13.68 -11.91
CA LEU A 319 -2.26 14.44 -10.97
C LEU A 319 -3.49 14.99 -11.66
N LEU A 320 -3.33 15.43 -12.91
CA LEU A 320 -4.45 15.83 -13.74
C LEU A 320 -5.42 14.72 -14.04
N LEU A 321 -4.92 13.54 -14.34
CA LEU A 321 -5.74 12.36 -14.46
C LEU A 321 -6.52 12.00 -13.19
N ALA A 322 -5.83 12.10 -12.05
CA ALA A 322 -6.48 11.83 -10.78
C ALA A 322 -7.59 12.83 -10.53
N LYS A 323 -7.34 14.08 -10.89
CA LYS A 323 -8.35 15.10 -10.73
C LYS A 323 -9.54 14.93 -11.64
N LYS A 324 -9.29 14.51 -12.88
CA LYS A 324 -10.37 14.28 -13.82
C LYS A 324 -11.24 13.14 -13.36
N ALA A 325 -10.61 12.08 -12.89
CA ALA A 325 -11.32 10.89 -12.43
C ALA A 325 -12.21 11.31 -11.28
N ARG A 326 -11.71 12.14 -10.37
CA ARG A 326 -12.52 12.54 -9.23
C ARG A 326 -13.79 13.28 -9.67
N LEU A 327 -13.64 14.25 -10.56
CA LEU A 327 -14.78 15.02 -11.07
C LEU A 327 -15.80 14.15 -11.80
N GLU A 328 -15.27 13.23 -12.59
CA GLU A 328 -16.12 12.35 -13.37
C GLU A 328 -17.00 11.44 -12.54
N HIS A 329 -16.58 11.17 -11.31
CA HIS A 329 -17.40 10.45 -10.32
C HIS A 329 -18.57 11.21 -9.74
N HIS A 330 -18.57 12.53 -9.84
CA HIS A 330 -19.70 13.37 -9.43
C HIS A 330 -20.43 14.04 -10.59
N HIS A 331 -20.39 13.41 -11.77
CA HIS A 331 -21.03 13.93 -12.97
C HIS A 331 -22.08 13.00 -13.55
#